data_2LSQ
#
_entry.id   2LSQ
#
_entity_poly.entity_id   1
_entity_poly.type   'polypeptide(L)'
_entity_poly.pdbx_seq_one_letter_code
;NCWRAESDEARRCYNDPKCSDSVCK
;
_entity_poly.pdbx_strand_id   A
#
# COMPACT_ATOMS: atom_id res chain seq x y z
N ASN A 1 -6.45 -7.89 -4.62
CA ASN A 1 -6.90 -7.22 -3.41
C ASN A 1 -5.74 -6.48 -2.74
N CYS A 2 -4.77 -7.24 -2.25
CA CYS A 2 -3.61 -6.65 -1.58
C CYS A 2 -2.52 -6.30 -2.60
N TRP A 3 -1.81 -5.21 -2.34
CA TRP A 3 -0.75 -4.77 -3.23
C TRP A 3 0.49 -5.66 -3.08
N ARG A 4 1.62 -5.19 -3.60
CA ARG A 4 2.86 -5.94 -3.54
C ARG A 4 3.70 -5.47 -2.35
N ALA A 5 4.34 -6.42 -1.66
CA ALA A 5 5.17 -6.11 -0.51
C ALA A 5 6.60 -5.80 -0.95
N GLU A 6 6.74 -5.15 -2.10
CA GLU A 6 8.05 -4.80 -2.62
C GLU A 6 8.03 -3.43 -3.29
N SER A 7 6.95 -2.69 -3.05
CA SER A 7 6.79 -1.36 -3.63
C SER A 7 6.99 -0.27 -2.57
N ASP A 8 7.95 0.61 -2.81
CA ASP A 8 8.24 1.70 -1.88
C ASP A 8 7.06 2.67 -1.80
N GLU A 9 6.23 2.66 -2.83
CA GLU A 9 5.07 3.55 -2.88
C GLU A 9 3.96 3.05 -1.95
N ALA A 10 3.98 1.75 -1.68
CA ALA A 10 2.97 1.15 -0.80
C ALA A 10 3.05 1.72 0.60
N ARG A 11 4.23 2.22 0.97
CA ARG A 11 4.45 2.79 2.29
C ARG A 11 4.04 4.26 2.31
N ARG A 12 4.33 4.97 1.22
CA ARG A 12 4.00 6.38 1.12
C ARG A 12 2.50 6.58 0.90
N CYS A 13 1.92 5.74 0.04
CA CYS A 13 0.51 5.81 -0.26
C CYS A 13 -0.34 5.36 0.93
N TYR A 14 0.26 4.53 1.79
CA TYR A 14 -0.44 4.03 2.97
C TYR A 14 -1.04 5.18 3.78
N ASN A 15 -0.42 6.35 3.68
CA ASN A 15 -0.90 7.53 4.40
C ASN A 15 -1.71 8.43 3.48
N ASP A 16 -2.48 7.83 2.58
CA ASP A 16 -3.30 8.58 1.65
C ASP A 16 -4.65 7.90 1.46
N PRO A 17 -5.70 8.72 1.25
CA PRO A 17 -7.06 8.21 1.06
C PRO A 17 -7.24 7.50 -0.28
N LYS A 18 -6.39 7.86 -1.24
CA LYS A 18 -6.45 7.26 -2.58
C LYS A 18 -5.68 5.95 -2.61
N CYS A 19 -5.24 5.49 -1.44
CA CYS A 19 -4.49 4.24 -1.33
C CYS A 19 -4.66 3.62 0.05
N SER A 20 -5.91 3.55 0.51
CA SER A 20 -6.21 2.98 1.81
C SER A 20 -6.27 1.45 1.74
N ASP A 21 -5.74 0.90 0.66
CA ASP A 21 -5.73 -0.54 0.47
C ASP A 21 -4.94 -1.23 1.57
N SER A 22 -4.59 -2.50 1.34
CA SER A 22 -3.84 -3.27 2.31
C SER A 22 -2.80 -4.16 1.62
N VAL A 23 -1.57 -3.70 1.58
CA VAL A 23 -0.49 -4.46 0.95
C VAL A 23 -0.16 -5.71 1.75
N CYS A 24 -0.10 -6.85 1.06
CA CYS A 24 0.20 -8.12 1.70
C CYS A 24 1.60 -8.10 2.30
N LYS A 25 1.67 -8.18 3.63
CA LYS A 25 2.95 -8.18 4.33
C LYS A 25 3.48 -9.59 4.51
N ASN A 1 -6.73 -8.83 -3.37
CA ASN A 1 -7.16 -8.23 -2.12
C ASN A 1 -6.10 -7.27 -1.58
N CYS A 2 -4.90 -7.80 -1.37
CA CYS A 2 -3.79 -6.99 -0.85
C CYS A 2 -2.89 -6.53 -1.99
N TRP A 3 -2.24 -5.39 -1.79
CA TRP A 3 -1.35 -4.83 -2.80
C TRP A 3 -0.03 -5.60 -2.85
N ARG A 4 0.97 -5.02 -3.51
CA ARG A 4 2.27 -5.65 -3.63
C ARG A 4 3.07 -5.53 -2.34
N ALA A 5 3.54 -6.66 -1.83
CA ALA A 5 4.32 -6.67 -0.59
C ALA A 5 5.80 -6.46 -0.88
N GLU A 6 6.10 -5.74 -1.96
CA GLU A 6 7.47 -5.47 -2.33
C GLU A 6 7.60 -4.09 -2.98
N SER A 7 6.57 -3.26 -2.80
CA SER A 7 6.56 -1.92 -3.36
C SER A 7 6.79 -0.87 -2.28
N ASP A 8 7.80 -0.04 -2.49
CA ASP A 8 8.14 1.01 -1.53
C ASP A 8 7.03 2.05 -1.45
N GLU A 9 6.31 2.22 -2.56
CA GLU A 9 5.22 3.19 -2.62
C GLU A 9 4.06 2.76 -1.73
N ALA A 10 3.97 1.46 -1.47
CA ALA A 10 2.90 0.91 -0.62
C ALA A 10 2.97 1.50 0.78
N ARG A 11 4.14 2.00 1.16
CA ARG A 11 4.33 2.59 2.49
C ARG A 11 3.91 4.06 2.48
N ARG A 12 4.25 4.76 1.41
CA ARG A 12 3.92 6.18 1.29
C ARG A 12 2.44 6.36 0.97
N CYS A 13 1.91 5.49 0.12
CA CYS A 13 0.50 5.57 -0.26
C CYS A 13 -0.41 5.27 0.93
N TYR A 14 0.12 4.53 1.89
CA TYR A 14 -0.64 4.18 3.09
C TYR A 14 -1.27 5.43 3.71
N ASN A 15 -0.60 6.56 3.57
CA ASN A 15 -1.09 7.82 4.13
C ASN A 15 -1.86 8.61 3.06
N ASP A 16 -2.62 7.91 2.24
CA ASP A 16 -3.40 8.54 1.18
C ASP A 16 -4.71 7.82 0.97
N PRO A 17 -5.76 8.57 0.61
CA PRO A 17 -7.10 8.02 0.37
C PRO A 17 -7.15 7.18 -0.90
N LYS A 18 -6.22 7.43 -1.82
CA LYS A 18 -6.16 6.70 -3.08
C LYS A 18 -5.43 5.37 -2.89
N CYS A 19 -5.13 5.02 -1.65
CA CYS A 19 -4.44 3.77 -1.34
C CYS A 19 -4.82 3.28 0.06
N SER A 20 -6.11 3.27 0.35
CA SER A 20 -6.59 2.83 1.66
C SER A 20 -6.63 1.30 1.73
N ASP A 21 -6.11 0.66 0.69
CA ASP A 21 -6.08 -0.80 0.64
C ASP A 21 -5.26 -1.38 1.79
N SER A 22 -4.90 -2.65 1.68
CA SER A 22 -4.13 -3.32 2.71
C SER A 22 -3.06 -4.22 2.09
N VAL A 23 -1.84 -3.71 2.02
CA VAL A 23 -0.73 -4.47 1.45
C VAL A 23 -0.35 -5.65 2.33
N CYS A 24 -0.12 -6.79 1.71
CA CYS A 24 0.24 -8.00 2.45
C CYS A 24 1.57 -7.81 3.19
N LYS A 25 1.50 -7.83 4.51
CA LYS A 25 2.69 -7.67 5.34
C LYS A 25 2.55 -8.41 6.66
N ASN A 1 -7.90 -8.93 -1.02
CA ASN A 1 -7.26 -8.00 -1.93
C ASN A 1 -6.17 -7.21 -1.23
N CYS A 2 -4.92 -7.52 -1.55
CA CYS A 2 -3.77 -6.85 -0.94
C CYS A 2 -2.73 -6.48 -2.00
N TRP A 3 -2.10 -5.32 -1.83
CA TRP A 3 -1.09 -4.87 -2.77
C TRP A 3 0.21 -5.65 -2.60
N ARG A 4 1.28 -5.15 -3.22
CA ARG A 4 2.58 -5.81 -3.13
C ARG A 4 3.31 -5.40 -1.86
N ALA A 5 3.76 -6.39 -1.10
CA ALA A 5 4.48 -6.14 0.14
C ALA A 5 5.98 -5.95 -0.11
N GLU A 6 6.31 -5.45 -1.30
CA GLU A 6 7.70 -5.23 -1.67
C GLU A 6 7.85 -3.94 -2.48
N SER A 7 6.81 -3.11 -2.46
CA SER A 7 6.81 -1.85 -3.20
C SER A 7 7.02 -0.67 -2.26
N ASP A 8 7.95 0.21 -2.62
CA ASP A 8 8.25 1.38 -1.82
C ASP A 8 7.08 2.36 -1.82
N GLU A 9 6.26 2.28 -2.85
CA GLU A 9 5.09 3.16 -2.98
C GLU A 9 3.99 2.73 -2.02
N ALA A 10 4.02 1.46 -1.62
CA ALA A 10 3.01 0.93 -0.71
C ALA A 10 3.09 1.61 0.65
N ARG A 11 4.27 2.13 0.99
CA ARG A 11 4.47 2.80 2.26
C ARG A 11 4.07 4.27 2.17
N ARG A 12 4.37 4.89 1.03
CA ARG A 12 4.04 6.29 0.81
C ARG A 12 2.54 6.47 0.56
N CYS A 13 1.97 5.55 -0.22
CA CYS A 13 0.55 5.60 -0.55
C CYS A 13 -0.30 5.24 0.67
N TYR A 14 0.28 4.48 1.59
CA TYR A 14 -0.42 4.07 2.80
C TYR A 14 -1.03 5.27 3.51
N ASN A 15 -0.41 6.44 3.32
CA ASN A 15 -0.89 7.67 3.95
C ASN A 15 -1.67 8.52 2.96
N ASP A 16 -2.43 7.86 2.09
CA ASP A 16 -3.24 8.57 1.10
C ASP A 16 -4.61 7.90 0.93
N PRO A 17 -5.62 8.73 0.64
CA PRO A 17 -7.00 8.25 0.46
C PRO A 17 -7.15 7.43 -0.83
N LYS A 18 -6.28 7.69 -1.79
CA LYS A 18 -6.33 6.99 -3.07
C LYS A 18 -5.58 5.66 -2.98
N CYS A 19 -5.18 5.29 -1.77
CA CYS A 19 -4.45 4.04 -1.55
C CYS A 19 -4.67 3.55 -0.13
N SER A 20 -5.92 3.53 0.32
CA SER A 20 -6.25 3.08 1.66
C SER A 20 -6.39 1.57 1.70
N ASP A 21 -5.90 0.91 0.67
CA ASP A 21 -5.98 -0.55 0.59
C ASP A 21 -5.23 -1.21 1.73
N SER A 22 -4.95 -2.50 1.59
CA SER A 22 -4.23 -3.24 2.61
C SER A 22 -3.13 -4.10 1.99
N VAL A 23 -1.92 -3.56 1.96
CA VAL A 23 -0.78 -4.27 1.39
C VAL A 23 -0.38 -5.47 2.27
N CYS A 24 -0.20 -6.62 1.63
CA CYS A 24 0.18 -7.83 2.35
C CYS A 24 1.55 -7.67 3.00
N LYS A 25 2.05 -8.75 3.60
CA LYS A 25 3.35 -8.74 4.26
C LYS A 25 4.40 -9.42 3.38
N ASN A 1 -6.67 -8.43 -3.81
CA ASN A 1 -7.23 -7.67 -2.69
C ASN A 1 -6.13 -6.88 -1.99
N CYS A 2 -4.90 -7.39 -2.03
CA CYS A 2 -3.77 -6.73 -1.40
C CYS A 2 -2.71 -6.34 -2.44
N TRP A 3 -2.08 -5.20 -2.22
CA TRP A 3 -1.05 -4.72 -3.13
C TRP A 3 0.25 -5.51 -2.96
N ARG A 4 1.32 -5.01 -3.55
CA ARG A 4 2.62 -5.68 -3.46
C ARG A 4 3.28 -5.39 -2.10
N ALA A 5 3.66 -6.46 -1.41
CA ALA A 5 4.31 -6.33 -0.10
C ALA A 5 5.81 -6.16 -0.25
N GLU A 6 6.23 -5.58 -1.36
CA GLU A 6 7.66 -5.37 -1.64
C GLU A 6 7.88 -4.06 -2.38
N SER A 7 6.86 -3.21 -2.39
CA SER A 7 6.94 -1.92 -3.07
C SER A 7 7.15 -0.79 -2.06
N ASP A 8 8.19 0.01 -2.29
CA ASP A 8 8.50 1.12 -1.40
C ASP A 8 7.39 2.17 -1.45
N GLU A 9 6.62 2.17 -2.54
CA GLU A 9 5.53 3.12 -2.70
C GLU A 9 4.35 2.75 -1.83
N ALA A 10 4.17 1.45 -1.60
CA ALA A 10 3.08 0.96 -0.77
C ALA A 10 3.08 1.62 0.60
N ARG A 11 4.26 2.09 1.02
CA ARG A 11 4.40 2.74 2.32
C ARG A 11 4.05 4.22 2.22
N ARG A 12 4.40 4.83 1.09
CA ARG A 12 4.13 6.25 0.88
C ARG A 12 2.66 6.49 0.59
N CYS A 13 2.06 5.61 -0.23
CA CYS A 13 0.65 5.72 -0.57
C CYS A 13 -0.23 5.38 0.62
N TYR A 14 0.30 4.59 1.54
CA TYR A 14 -0.45 4.20 2.74
C TYR A 14 -1.01 5.42 3.46
N ASN A 15 -0.35 6.56 3.29
CA ASN A 15 -0.79 7.80 3.92
C ASN A 15 -1.56 8.66 2.93
N ASP A 16 -2.33 8.01 2.06
CA ASP A 16 -3.13 8.72 1.07
C ASP A 16 -4.48 8.04 0.87
N PRO A 17 -5.51 8.85 0.60
CA PRO A 17 -6.87 8.36 0.38
C PRO A 17 -7.01 7.57 -0.92
N LYS A 18 -6.12 7.85 -1.87
CA LYS A 18 -6.14 7.17 -3.16
C LYS A 18 -5.41 5.83 -3.07
N CYS A 19 -5.05 5.43 -1.86
CA CYS A 19 -4.36 4.16 -1.66
C CYS A 19 -4.63 3.63 -0.25
N SER A 20 -5.90 3.62 0.14
CA SER A 20 -6.29 3.13 1.46
C SER A 20 -6.45 1.61 1.45
N ASP A 21 -5.93 0.98 0.40
CA ASP A 21 -6.02 -0.48 0.27
C ASP A 21 -5.28 -1.16 1.42
N SER A 22 -5.00 -2.45 1.24
CA SER A 22 -4.31 -3.22 2.27
C SER A 22 -3.21 -4.08 1.65
N VAL A 23 -1.99 -3.55 1.66
CA VAL A 23 -0.84 -4.25 1.09
C VAL A 23 -0.48 -5.46 1.95
N CYS A 24 -0.27 -6.60 1.29
CA CYS A 24 0.09 -7.83 1.99
C CYS A 24 1.44 -7.69 2.69
N LYS A 25 1.91 -8.78 3.27
CA LYS A 25 3.19 -8.79 3.96
C LYS A 25 4.26 -9.50 3.14
N ASN A 1 -6.54 -8.31 -4.04
CA ASN A 1 -6.97 -7.49 -2.92
C ASN A 1 -5.80 -6.67 -2.38
N CYS A 2 -4.81 -7.36 -1.82
CA CYS A 2 -3.64 -6.70 -1.25
C CYS A 2 -2.63 -6.36 -2.35
N TRP A 3 -1.90 -5.26 -2.16
CA TRP A 3 -0.90 -4.83 -3.13
C TRP A 3 0.34 -5.71 -3.06
N ARG A 4 1.42 -5.25 -3.67
CA ARG A 4 2.67 -6.00 -3.68
C ARG A 4 3.56 -5.60 -2.50
N ALA A 5 4.15 -6.59 -1.86
CA ALA A 5 5.03 -6.34 -0.72
C ALA A 5 6.47 -6.09 -1.17
N GLU A 6 6.61 -5.42 -2.31
CA GLU A 6 7.92 -5.10 -2.85
C GLU A 6 7.95 -3.72 -3.49
N SER A 7 6.90 -2.94 -3.23
CA SER A 7 6.78 -1.59 -3.77
C SER A 7 7.02 -0.55 -2.69
N ASP A 8 7.98 0.34 -2.94
CA ASP A 8 8.31 1.40 -1.99
C ASP A 8 7.18 2.41 -1.89
N GLU A 9 6.36 2.48 -2.94
CA GLU A 9 5.24 3.42 -2.97
C GLU A 9 4.12 2.96 -2.06
N ALA A 10 4.03 1.65 -1.85
CA ALA A 10 3.01 1.08 -0.99
C ALA A 10 3.10 1.63 0.43
N ARG A 11 4.30 2.10 0.79
CA ARG A 11 4.52 2.66 2.12
C ARG A 11 4.14 4.14 2.16
N ARG A 12 4.41 4.84 1.08
CA ARG A 12 4.10 6.27 1.00
C ARG A 12 2.61 6.48 0.77
N CYS A 13 2.02 5.65 -0.07
CA CYS A 13 0.59 5.75 -0.37
C CYS A 13 -0.25 5.42 0.86
N TYR A 14 0.33 4.64 1.76
CA TYR A 14 -0.37 4.25 2.98
C TYR A 14 -0.94 5.47 3.70
N ASN A 15 -0.29 6.61 3.52
CA ASN A 15 -0.72 7.85 4.15
C ASN A 15 -1.53 8.70 3.17
N ASP A 16 -2.35 8.04 2.36
CA ASP A 16 -3.18 8.74 1.38
C ASP A 16 -4.52 8.03 1.21
N PRO A 17 -5.58 8.82 0.94
CA PRO A 17 -6.92 8.30 0.75
C PRO A 17 -7.07 7.52 -0.55
N LYS A 18 -6.18 7.80 -1.50
CA LYS A 18 -6.21 7.12 -2.79
C LYS A 18 -5.49 5.79 -2.72
N CYS A 19 -5.13 5.38 -1.51
CA CYS A 19 -4.43 4.11 -1.29
C CYS A 19 -4.72 3.56 0.09
N SER A 20 -5.99 3.56 0.49
CA SER A 20 -6.40 3.05 1.79
C SER A 20 -6.37 1.54 1.82
N ASP A 21 -5.88 0.93 0.74
CA ASP A 21 -5.81 -0.52 0.64
C ASP A 21 -4.91 -1.09 1.74
N SER A 22 -4.50 -2.34 1.57
CA SER A 22 -3.65 -3.01 2.55
C SER A 22 -2.69 -3.98 1.87
N VAL A 23 -1.45 -3.56 1.71
CA VAL A 23 -0.43 -4.39 1.08
C VAL A 23 -0.09 -5.60 1.94
N CYS A 24 -0.03 -6.77 1.31
CA CYS A 24 0.28 -8.01 2.02
C CYS A 24 1.69 -7.94 2.62
N LYS A 25 1.75 -7.95 3.95
CA LYS A 25 3.01 -7.89 4.66
C LYS A 25 3.37 -9.26 5.24
N ASN A 1 -8.10 -8.33 -0.97
CA ASN A 1 -6.99 -8.11 -1.89
C ASN A 1 -5.87 -7.32 -1.23
N CYS A 2 -4.63 -7.68 -1.56
CA CYS A 2 -3.47 -7.01 -1.00
C CYS A 2 -2.45 -6.67 -2.08
N TRP A 3 -1.75 -5.55 -1.90
CA TRP A 3 -0.75 -5.12 -2.87
C TRP A 3 0.51 -5.97 -2.77
N ARG A 4 1.59 -5.49 -3.37
CA ARG A 4 2.87 -6.21 -3.35
C ARG A 4 3.70 -5.79 -2.14
N ALA A 5 4.32 -6.77 -1.49
CA ALA A 5 5.15 -6.50 -0.31
C ALA A 5 6.58 -6.20 -0.71
N GLU A 6 6.75 -5.60 -1.89
CA GLU A 6 8.08 -5.27 -2.40
C GLU A 6 8.06 -3.91 -3.10
N SER A 7 6.99 -3.16 -2.90
CA SER A 7 6.85 -1.84 -3.53
C SER A 7 7.06 -0.73 -2.51
N ASP A 8 8.01 0.15 -2.79
CA ASP A 8 8.32 1.27 -1.90
C ASP A 8 7.15 2.25 -1.85
N GLU A 9 6.32 2.23 -2.89
CA GLU A 9 5.17 3.12 -2.97
C GLU A 9 4.06 2.66 -2.02
N ALA A 10 4.08 1.38 -1.67
CA ALA A 10 3.08 0.81 -0.78
C ALA A 10 3.16 1.44 0.62
N ARG A 11 4.35 1.93 0.96
CA ARG A 11 4.57 2.56 2.26
C ARG A 11 4.18 4.04 2.22
N ARG A 12 4.49 4.69 1.11
CA ARG A 12 4.18 6.11 0.95
C ARG A 12 2.69 6.32 0.69
N CYS A 13 2.11 5.45 -0.13
CA CYS A 13 0.70 5.54 -0.46
C CYS A 13 -0.16 5.17 0.74
N TYR A 14 0.41 4.39 1.65
CA TYR A 14 -0.32 3.97 2.85
C TYR A 14 -0.92 5.17 3.58
N ASN A 15 -0.27 6.33 3.42
CA ASN A 15 -0.74 7.55 4.07
C ASN A 15 -1.54 8.41 3.09
N ASP A 16 -2.30 7.74 2.22
CA ASP A 16 -3.11 8.44 1.24
C ASP A 16 -4.47 7.75 1.07
N PRO A 17 -5.51 8.55 0.81
CA PRO A 17 -6.87 8.05 0.62
C PRO A 17 -7.02 7.26 -0.68
N LYS A 18 -6.17 7.55 -1.64
CA LYS A 18 -6.20 6.87 -2.94
C LYS A 18 -5.44 5.55 -2.87
N CYS A 19 -5.03 5.17 -1.67
CA CYS A 19 -4.30 3.92 -1.47
C CYS A 19 -4.50 3.38 -0.06
N SER A 20 -5.76 3.35 0.38
CA SER A 20 -6.09 2.86 1.71
C SER A 20 -6.17 1.33 1.73
N ASP A 21 -5.63 0.71 0.69
CA ASP A 21 -5.63 -0.75 0.58
C ASP A 21 -4.86 -1.38 1.73
N SER A 22 -4.52 -2.66 1.58
CA SER A 22 -3.78 -3.37 2.61
C SER A 22 -2.73 -4.30 1.98
N VAL A 23 -1.49 -3.81 1.93
CA VAL A 23 -0.40 -4.58 1.37
C VAL A 23 -0.06 -5.78 2.25
N CYS A 24 0.10 -6.95 1.62
CA CYS A 24 0.42 -8.17 2.35
C CYS A 24 1.79 -8.05 3.02
N LYS A 25 1.80 -8.06 4.34
CA LYS A 25 3.05 -7.97 5.10
C LYS A 25 3.52 -9.34 5.55
N ASN A 1 -8.08 -8.67 -2.47
CA ASN A 1 -7.00 -8.06 -3.22
C ASN A 1 -6.04 -7.32 -2.29
N CYS A 2 -4.75 -7.61 -2.43
CA CYS A 2 -3.72 -6.97 -1.61
C CYS A 2 -2.52 -6.57 -2.46
N TRP A 3 -1.92 -5.44 -2.11
CA TRP A 3 -0.75 -4.93 -2.83
C TRP A 3 0.48 -5.76 -2.52
N ARG A 4 1.64 -5.29 -2.98
CA ARG A 4 2.90 -5.99 -2.74
C ARG A 4 3.68 -5.32 -1.62
N ALA A 5 4.24 -6.15 -0.72
CA ALA A 5 5.01 -5.64 0.41
C ALA A 5 6.46 -5.41 0.01
N GLU A 6 6.68 -4.91 -1.21
CA GLU A 6 8.02 -4.65 -1.70
C GLU A 6 8.06 -3.36 -2.52
N SER A 7 6.99 -2.58 -2.43
CA SER A 7 6.90 -1.33 -3.17
C SER A 7 7.06 -0.13 -2.24
N ASP A 8 8.02 0.73 -2.56
CA ASP A 8 8.28 1.92 -1.75
C ASP A 8 7.06 2.84 -1.73
N GLU A 9 6.23 2.73 -2.76
CA GLU A 9 5.03 3.55 -2.86
C GLU A 9 3.95 3.06 -1.90
N ALA A 10 4.01 1.78 -1.55
CA ALA A 10 3.04 1.19 -0.65
C ALA A 10 3.10 1.83 0.73
N ARG A 11 4.28 2.36 1.08
CA ARG A 11 4.48 3.01 2.37
C ARG A 11 4.06 4.48 2.31
N ARG A 12 4.36 5.13 1.19
CA ARG A 12 4.02 6.54 1.01
C ARG A 12 2.51 6.70 0.78
N CYS A 13 1.94 5.81 -0.02
CA CYS A 13 0.52 5.86 -0.32
C CYS A 13 -0.31 5.45 0.90
N TYR A 14 0.28 4.64 1.77
CA TYR A 14 -0.39 4.17 2.97
C TYR A 14 -1.01 5.33 3.73
N ASN A 15 -0.39 6.50 3.63
CA ASN A 15 -0.87 7.70 4.31
C ASN A 15 -1.73 8.55 3.38
N ASP A 16 -2.51 7.89 2.54
CA ASP A 16 -3.37 8.59 1.59
C ASP A 16 -4.69 7.84 1.39
N PRO A 17 -5.77 8.58 1.16
CA PRO A 17 -7.10 8.01 0.94
C PRO A 17 -7.20 7.27 -0.39
N LYS A 18 -6.33 7.63 -1.32
CA LYS A 18 -6.32 6.99 -2.64
C LYS A 18 -5.54 5.69 -2.62
N CYS A 19 -5.17 5.25 -1.42
CA CYS A 19 -4.43 4.00 -1.26
C CYS A 19 -4.69 3.39 0.10
N SER A 20 -5.96 3.32 0.48
CA SER A 20 -6.36 2.75 1.77
C SER A 20 -6.47 1.23 1.67
N ASP A 21 -5.94 0.66 0.61
CA ASP A 21 -5.98 -0.78 0.40
C ASP A 21 -5.26 -1.52 1.52
N SER A 22 -4.95 -2.79 1.27
CA SER A 22 -4.26 -3.61 2.27
C SER A 22 -3.13 -4.40 1.63
N VAL A 23 -1.92 -3.85 1.68
CA VAL A 23 -0.76 -4.51 1.11
C VAL A 23 -0.39 -5.76 1.89
N CYS A 24 -0.32 -6.89 1.19
CA CYS A 24 0.02 -8.15 1.82
C CYS A 24 1.44 -8.12 2.40
N LYS A 25 1.54 -8.19 3.72
CA LYS A 25 2.83 -8.16 4.39
C LYS A 25 3.22 -9.56 4.87
N ASN A 1 -8.03 -7.48 -1.99
CA ASN A 1 -6.85 -7.58 -2.83
C ASN A 1 -5.70 -6.78 -2.26
N CYS A 2 -4.68 -7.49 -1.77
CA CYS A 2 -3.50 -6.85 -1.18
C CYS A 2 -2.48 -6.51 -2.26
N TRP A 3 -1.77 -5.41 -2.07
CA TRP A 3 -0.75 -4.97 -3.02
C TRP A 3 0.50 -5.84 -2.91
N ARG A 4 1.59 -5.37 -3.51
CA ARG A 4 2.85 -6.11 -3.48
C ARG A 4 3.73 -5.65 -2.32
N ALA A 5 4.37 -6.61 -1.65
CA ALA A 5 5.24 -6.29 -0.52
C ALA A 5 6.66 -6.01 -0.99
N GLU A 6 6.78 -5.35 -2.14
CA GLU A 6 8.09 -5.02 -2.70
C GLU A 6 8.04 -3.66 -3.39
N SER A 7 6.99 -2.90 -3.14
CA SER A 7 6.83 -1.58 -3.73
C SER A 7 7.06 -0.48 -2.69
N ASP A 8 7.99 0.42 -3.00
CA ASP A 8 8.30 1.52 -2.09
C ASP A 8 7.12 2.50 -2.00
N GLU A 9 6.27 2.49 -3.01
CA GLU A 9 5.11 3.37 -3.05
C GLU A 9 4.03 2.89 -2.09
N ALA A 10 4.06 1.59 -1.78
CA ALA A 10 3.08 1.00 -0.88
C ALA A 10 3.19 1.59 0.52
N ARG A 11 4.38 2.09 0.85
CA ARG A 11 4.61 2.69 2.17
C ARG A 11 4.21 4.16 2.17
N ARG A 12 4.47 4.85 1.06
CA ARG A 12 4.13 6.25 0.94
C ARG A 12 2.64 6.45 0.73
N CYS A 13 2.05 5.59 -0.09
CA CYS A 13 0.61 5.66 -0.37
C CYS A 13 -0.20 5.26 0.85
N TYR A 14 0.41 4.47 1.72
CA TYR A 14 -0.27 4.01 2.94
C TYR A 14 -0.85 5.18 3.71
N ASN A 15 -0.24 6.35 3.55
CA ASN A 15 -0.71 7.55 4.24
C ASN A 15 -1.53 8.43 3.30
N ASP A 16 -2.33 7.79 2.46
CA ASP A 16 -3.17 8.51 1.51
C ASP A 16 -4.53 7.82 1.36
N PRO A 17 -5.58 8.63 1.15
CA PRO A 17 -6.94 8.12 0.98
C PRO A 17 -7.13 7.38 -0.33
N LYS A 18 -6.31 7.71 -1.32
CA LYS A 18 -6.37 7.06 -2.62
C LYS A 18 -5.60 5.75 -2.62
N CYS A 19 -5.15 5.33 -1.45
CA CYS A 19 -4.41 4.08 -1.31
C CYS A 19 -4.56 3.50 0.09
N SER A 20 -5.80 3.45 0.57
CA SER A 20 -6.08 2.92 1.91
C SER A 20 -6.14 1.40 1.88
N ASP A 21 -5.62 0.81 0.81
CA ASP A 21 -5.60 -0.65 0.67
C ASP A 21 -4.79 -1.29 1.77
N SER A 22 -4.42 -2.56 1.58
CA SER A 22 -3.64 -3.29 2.56
C SER A 22 -2.63 -4.21 1.88
N VAL A 23 -1.39 -3.75 1.80
CA VAL A 23 -0.33 -4.54 1.17
C VAL A 23 0.03 -5.76 2.01
N CYS A 24 0.09 -6.92 1.36
CA CYS A 24 0.42 -8.16 2.05
C CYS A 24 1.83 -8.11 2.64
N LYS A 25 1.91 -8.13 3.96
CA LYS A 25 3.19 -8.08 4.66
C LYS A 25 3.65 -9.49 5.04
N ASN A 1 -8.33 -7.82 -3.00
CA ASN A 1 -6.97 -7.91 -3.53
C ASN A 1 -6.01 -7.10 -2.67
N CYS A 2 -4.82 -7.64 -2.45
CA CYS A 2 -3.80 -6.97 -1.66
C CYS A 2 -2.61 -6.58 -2.52
N TRP A 3 -1.98 -5.46 -2.18
CA TRP A 3 -0.83 -4.97 -2.93
C TRP A 3 0.42 -5.81 -2.62
N ARG A 4 1.56 -5.37 -3.13
CA ARG A 4 2.81 -6.08 -2.91
C ARG A 4 3.62 -5.42 -1.80
N ALA A 5 4.15 -6.24 -0.90
CA ALA A 5 4.95 -5.74 0.21
C ALA A 5 6.42 -5.56 -0.19
N GLU A 6 6.63 -5.05 -1.40
CA GLU A 6 7.98 -4.83 -1.91
C GLU A 6 8.04 -3.56 -2.75
N SER A 7 7.00 -2.74 -2.66
CA SER A 7 6.93 -1.49 -3.41
C SER A 7 7.15 -0.29 -2.50
N ASP A 8 8.14 0.53 -2.84
CA ASP A 8 8.44 1.72 -2.05
C ASP A 8 7.26 2.68 -2.02
N GLU A 9 6.39 2.58 -3.02
CA GLU A 9 5.21 3.44 -3.10
C GLU A 9 4.15 2.98 -2.09
N ALA A 10 4.09 1.68 -1.85
CA ALA A 10 3.12 1.12 -0.92
C ALA A 10 3.22 1.79 0.44
N ARG A 11 4.39 2.34 0.75
CA ARG A 11 4.62 3.01 2.02
C ARG A 11 4.18 4.47 1.95
N ARG A 12 4.38 5.09 0.79
CA ARG A 12 4.00 6.48 0.61
C ARG A 12 2.48 6.63 0.47
N CYS A 13 1.87 5.72 -0.28
CA CYS A 13 0.43 5.74 -0.49
C CYS A 13 -0.31 5.33 0.78
N TYR A 14 0.37 4.57 1.63
CA TYR A 14 -0.23 4.11 2.88
C TYR A 14 -0.80 5.28 3.67
N ASN A 15 -0.24 6.46 3.46
CA ASN A 15 -0.69 7.66 4.15
C ASN A 15 -1.58 8.51 3.26
N ASP A 16 -2.41 7.84 2.46
CA ASP A 16 -3.32 8.53 1.55
C ASP A 16 -4.64 7.79 1.44
N PRO A 17 -5.73 8.54 1.28
CA PRO A 17 -7.09 7.98 1.15
C PRO A 17 -7.28 7.24 -0.16
N LYS A 18 -6.48 7.60 -1.16
CA LYS A 18 -6.57 6.97 -2.47
C LYS A 18 -5.79 5.65 -2.50
N CYS A 19 -5.34 5.21 -1.34
CA CYS A 19 -4.58 3.97 -1.22
C CYS A 19 -4.75 3.36 0.17
N SER A 20 -5.99 3.29 0.63
CA SER A 20 -6.28 2.73 1.94
C SER A 20 -6.42 1.21 1.86
N ASP A 21 -5.94 0.63 0.77
CA ASP A 21 -5.99 -0.81 0.56
C ASP A 21 -5.21 -1.54 1.66
N SER A 22 -4.91 -2.81 1.41
CA SER A 22 -4.18 -3.62 2.37
C SER A 22 -3.09 -4.43 1.68
N VAL A 23 -1.88 -3.88 1.67
CA VAL A 23 -0.74 -4.55 1.03
C VAL A 23 -0.36 -5.82 1.79
N CYS A 24 -0.36 -6.94 1.09
CA CYS A 24 -0.01 -8.22 1.69
C CYS A 24 1.44 -8.23 2.17
N LYS A 25 1.62 -8.33 3.48
CA LYS A 25 2.96 -8.35 4.06
C LYS A 25 3.53 -9.76 4.08
N ASN A 1 -7.25 -8.68 -1.23
CA ASN A 1 -6.83 -7.73 -2.24
C ASN A 1 -5.69 -6.85 -1.73
N CYS A 2 -4.74 -7.48 -1.04
CA CYS A 2 -3.59 -6.76 -0.49
C CYS A 2 -2.57 -6.46 -1.59
N TRP A 3 -1.94 -5.30 -1.48
CA TRP A 3 -0.94 -4.87 -2.47
C TRP A 3 0.35 -5.64 -2.27
N ARG A 4 1.42 -5.19 -2.95
CA ARG A 4 2.71 -5.84 -2.85
C ARG A 4 3.45 -5.39 -1.59
N ALA A 5 3.93 -6.35 -0.82
CA ALA A 5 4.65 -6.07 0.42
C ALA A 5 6.14 -5.85 0.15
N GLU A 6 6.45 -5.35 -1.05
CA GLU A 6 7.83 -5.11 -1.43
C GLU A 6 7.95 -3.85 -2.29
N SER A 7 6.90 -3.03 -2.28
CA SER A 7 6.87 -1.80 -3.05
C SER A 7 7.07 -0.59 -2.15
N ASP A 8 8.08 0.22 -2.47
CA ASP A 8 8.37 1.42 -1.69
C ASP A 8 7.21 2.41 -1.75
N GLU A 9 6.42 2.32 -2.81
CA GLU A 9 5.28 3.21 -2.99
C GLU A 9 4.15 2.84 -2.03
N ALA A 10 4.06 1.56 -1.70
CA ALA A 10 3.02 1.09 -0.79
C ALA A 10 3.07 1.83 0.53
N ARG A 11 4.24 2.37 0.86
CA ARG A 11 4.41 3.11 2.10
C ARG A 11 4.01 4.58 1.92
N ARG A 12 4.29 5.12 0.75
CA ARG A 12 3.96 6.51 0.45
C ARG A 12 2.46 6.68 0.24
N CYS A 13 1.86 5.74 -0.47
CA CYS A 13 0.43 5.78 -0.75
C CYS A 13 -0.37 5.51 0.51
N TYR A 14 0.24 4.80 1.45
CA TYR A 14 -0.43 4.47 2.71
C TYR A 14 -1.00 5.71 3.37
N ASN A 15 -0.38 6.85 3.10
CA ASN A 15 -0.83 8.13 3.67
C ASN A 15 -1.69 8.90 2.67
N ASP A 16 -2.48 8.17 1.90
CA ASP A 16 -3.36 8.78 0.90
C ASP A 16 -4.70 8.06 0.83
N PRO A 17 -5.77 8.81 0.55
CA PRO A 17 -7.13 8.27 0.45
C PRO A 17 -7.31 7.40 -0.78
N LYS A 18 -6.47 7.64 -1.79
CA LYS A 18 -6.54 6.87 -3.03
C LYS A 18 -5.76 5.56 -2.91
N CYS A 19 -5.33 5.25 -1.69
CA CYS A 19 -4.58 4.03 -1.44
C CYS A 19 -4.76 3.57 0.00
N SER A 20 -6.00 3.56 0.47
CA SER A 20 -6.30 3.14 1.83
C SER A 20 -6.40 1.63 1.94
N ASP A 21 -5.91 0.94 0.91
CA ASP A 21 -5.93 -0.52 0.88
C ASP A 21 -5.11 -1.10 2.03
N SER A 22 -4.79 -2.39 1.95
CA SER A 22 -4.02 -3.06 2.98
C SER A 22 -2.93 -3.92 2.37
N VAL A 23 -1.73 -3.37 2.26
CA VAL A 23 -0.60 -4.09 1.70
C VAL A 23 -0.15 -5.24 2.61
N CYS A 24 0.02 -6.41 2.03
CA CYS A 24 0.42 -7.59 2.78
C CYS A 24 1.82 -7.40 3.37
N LYS A 25 2.34 -8.44 4.01
CA LYS A 25 3.65 -8.38 4.62
C LYS A 25 4.67 -9.16 3.80
N ASN A 1 -8.38 -8.15 -1.65
CA ASN A 1 -7.36 -7.63 -2.56
C ASN A 1 -6.24 -6.95 -1.77
N CYS A 2 -5.00 -7.29 -2.09
CA CYS A 2 -3.85 -6.70 -1.41
C CYS A 2 -2.72 -6.43 -2.41
N TRP A 3 -1.98 -5.35 -2.16
CA TRP A 3 -0.87 -4.99 -3.04
C TRP A 3 0.33 -5.91 -2.82
N ARG A 4 1.49 -5.49 -3.31
CA ARG A 4 2.71 -6.27 -3.17
C ARG A 4 3.53 -5.80 -1.98
N ALA A 5 4.10 -6.74 -1.24
CA ALA A 5 4.91 -6.42 -0.07
C ALA A 5 6.36 -6.19 -0.47
N GLU A 6 6.57 -5.56 -1.62
CA GLU A 6 7.91 -5.27 -2.10
C GLU A 6 7.97 -3.92 -2.81
N SER A 7 6.91 -3.13 -2.64
CA SER A 7 6.82 -1.81 -3.25
C SER A 7 6.99 -0.71 -2.21
N ASP A 8 7.94 0.19 -2.46
CA ASP A 8 8.20 1.29 -1.55
C ASP A 8 7.03 2.27 -1.53
N GLU A 9 6.37 2.41 -2.67
CA GLU A 9 5.23 3.31 -2.79
C GLU A 9 4.08 2.86 -1.89
N ALA A 10 3.96 1.56 -1.68
CA ALA A 10 2.92 1.01 -0.84
C ALA A 10 2.93 1.65 0.55
N ARG A 11 4.10 2.13 0.95
CA ARG A 11 4.24 2.77 2.26
C ARG A 11 3.88 4.24 2.19
N ARG A 12 4.21 4.88 1.07
CA ARG A 12 3.92 6.30 0.89
C ARG A 12 2.42 6.51 0.65
N CYS A 13 1.83 5.66 -0.16
CA CYS A 13 0.41 5.76 -0.47
C CYS A 13 -0.44 5.38 0.74
N TYR A 14 0.13 4.59 1.63
CA TYR A 14 -0.56 4.16 2.83
C TYR A 14 -1.13 5.36 3.59
N ASN A 15 -0.50 6.51 3.43
CA ASN A 15 -0.95 7.73 4.08
C ASN A 15 -1.74 8.61 3.12
N ASP A 16 -2.55 7.98 2.28
CA ASP A 16 -3.36 8.71 1.31
C ASP A 16 -4.72 8.04 1.14
N PRO A 17 -5.76 8.85 0.90
CA PRO A 17 -7.12 8.36 0.71
C PRO A 17 -7.28 7.62 -0.61
N LYS A 18 -6.42 7.93 -1.57
CA LYS A 18 -6.48 7.28 -2.88
C LYS A 18 -5.74 5.95 -2.86
N CYS A 19 -5.34 5.52 -1.67
CA CYS A 19 -4.63 4.25 -1.51
C CYS A 19 -4.85 3.67 -0.11
N SER A 20 -6.11 3.65 0.31
CA SER A 20 -6.45 3.12 1.63
C SER A 20 -6.51 1.60 1.62
N ASP A 21 -5.94 1.01 0.56
CA ASP A 21 -5.93 -0.44 0.41
C ASP A 21 -5.16 -1.09 1.57
N SER A 22 -4.79 -2.36 1.39
CA SER A 22 -4.05 -3.09 2.41
C SER A 22 -3.05 -4.05 1.77
N VAL A 23 -1.79 -3.64 1.74
CA VAL A 23 -0.73 -4.46 1.15
C VAL A 23 -0.47 -5.70 2.01
N CYS A 24 -0.43 -6.86 1.35
CA CYS A 24 -0.19 -8.12 2.05
C CYS A 24 1.18 -8.13 2.71
N LYS A 25 1.21 -8.16 4.04
CA LYS A 25 2.45 -8.17 4.79
C LYS A 25 2.36 -9.12 5.98
N ASN A 1 -7.71 -8.50 -2.01
CA ASN A 1 -7.07 -7.72 -3.05
C ASN A 1 -5.92 -6.89 -2.48
N CYS A 2 -5.12 -7.52 -1.61
CA CYS A 2 -3.99 -6.85 -1.00
C CYS A 2 -2.95 -6.46 -2.04
N TRP A 3 -2.27 -5.35 -1.81
CA TRP A 3 -1.25 -4.85 -2.73
C TRP A 3 0.02 -5.69 -2.62
N ARG A 4 1.11 -5.19 -3.19
CA ARG A 4 2.39 -5.88 -3.15
C ARG A 4 3.15 -5.57 -1.86
N ALA A 5 3.56 -6.62 -1.16
CA ALA A 5 4.29 -6.46 0.10
C ALA A 5 5.78 -6.31 -0.16
N GLU A 6 6.12 -5.75 -1.32
CA GLU A 6 7.52 -5.54 -1.68
C GLU A 6 7.70 -4.24 -2.45
N SER A 7 6.68 -3.38 -2.40
CA SER A 7 6.72 -2.11 -3.11
C SER A 7 6.95 -0.95 -2.13
N ASP A 8 7.98 -0.16 -2.40
CA ASP A 8 8.31 0.98 -1.54
C ASP A 8 7.19 2.02 -1.56
N GLU A 9 6.39 2.00 -2.63
CA GLU A 9 5.30 2.93 -2.77
C GLU A 9 4.13 2.55 -1.86
N ALA A 10 4.16 1.32 -1.36
CA ALA A 10 3.11 0.83 -0.48
C ALA A 10 3.20 1.47 0.90
N ARG A 11 4.39 1.96 1.23
CA ARG A 11 4.61 2.60 2.53
C ARG A 11 4.24 4.08 2.47
N ARG A 12 4.56 4.73 1.35
CA ARG A 12 4.26 6.14 1.17
C ARG A 12 2.78 6.36 0.90
N CYS A 13 2.20 5.47 0.10
CA CYS A 13 0.78 5.57 -0.24
C CYS A 13 -0.10 5.21 0.97
N TYR A 14 0.46 4.42 1.87
CA TYR A 14 -0.27 4.00 3.07
C TYR A 14 -0.85 5.21 3.80
N ASN A 15 -0.19 6.36 3.65
CA ASN A 15 -0.65 7.58 4.29
C ASN A 15 -1.41 8.46 3.30
N ASP A 16 -2.19 7.82 2.44
CA ASP A 16 -2.97 8.56 1.44
C ASP A 16 -4.34 7.91 1.25
N PRO A 17 -5.36 8.74 0.96
CA PRO A 17 -6.72 8.27 0.75
C PRO A 17 -6.87 7.49 -0.55
N LYS A 18 -5.99 7.74 -1.49
CA LYS A 18 -6.01 7.06 -2.79
C LYS A 18 -5.30 5.71 -2.70
N CYS A 19 -4.93 5.32 -1.49
CA CYS A 19 -4.24 4.05 -1.27
C CYS A 19 -4.49 3.52 0.14
N SER A 20 -5.76 3.53 0.54
CA SER A 20 -6.14 3.05 1.87
C SER A 20 -6.33 1.54 1.87
N ASP A 21 -5.85 0.89 0.81
CA ASP A 21 -5.97 -0.56 0.69
C ASP A 21 -5.23 -1.25 1.82
N SER A 22 -4.98 -2.56 1.65
CA SER A 22 -4.29 -3.34 2.66
C SER A 22 -3.20 -4.21 2.02
N VAL A 23 -1.98 -3.70 2.01
CA VAL A 23 -0.86 -4.43 1.42
C VAL A 23 -0.52 -5.66 2.26
N CYS A 24 -0.38 -6.80 1.59
CA CYS A 24 -0.05 -8.05 2.27
C CYS A 24 1.33 -7.97 2.91
N LYS A 25 1.79 -9.09 3.46
CA LYS A 25 3.09 -9.15 4.11
C LYS A 25 4.12 -9.85 3.22
N ASN A 1 -6.53 -8.71 -3.98
CA ASN A 1 -7.23 -8.14 -2.84
C ASN A 1 -6.30 -7.27 -2.01
N CYS A 2 -5.01 -7.53 -2.11
CA CYS A 2 -4.01 -6.77 -1.38
C CYS A 2 -2.81 -6.42 -2.26
N TRP A 3 -2.15 -5.31 -1.95
CA TRP A 3 -1.00 -4.87 -2.72
C TRP A 3 0.22 -5.72 -2.42
N ARG A 4 1.38 -5.28 -2.89
CA ARG A 4 2.62 -6.01 -2.67
C ARG A 4 3.40 -5.44 -1.49
N ALA A 5 3.86 -6.31 -0.61
CA ALA A 5 4.62 -5.89 0.56
C ALA A 5 6.11 -5.75 0.24
N GLU A 6 6.40 -5.29 -0.98
CA GLU A 6 7.78 -5.12 -1.41
C GLU A 6 7.92 -3.88 -2.30
N SER A 7 6.90 -3.04 -2.31
CA SER A 7 6.90 -1.83 -3.12
C SER A 7 7.09 -0.60 -2.25
N ASP A 8 8.11 0.19 -2.57
CA ASP A 8 8.40 1.41 -1.82
C ASP A 8 7.17 2.32 -1.76
N GLU A 9 6.33 2.23 -2.78
CA GLU A 9 5.12 3.04 -2.84
C GLU A 9 4.09 2.57 -1.82
N ALA A 10 4.13 1.28 -1.50
CA ALA A 10 3.20 0.71 -0.54
C ALA A 10 3.26 1.46 0.79
N ARG A 11 4.41 2.04 1.09
CA ARG A 11 4.58 2.80 2.33
C ARG A 11 3.96 4.18 2.22
N ARG A 12 4.11 4.80 1.05
CA ARG A 12 3.56 6.13 0.82
C ARG A 12 2.06 6.07 0.59
N CYS A 13 1.58 4.91 0.16
CA CYS A 13 0.16 4.71 -0.10
C CYS A 13 -0.65 4.83 1.18
N TYR A 14 -0.17 4.17 2.23
CA TYR A 14 -0.84 4.19 3.53
C TYR A 14 -0.98 5.62 4.04
N ASN A 15 -0.17 6.52 3.49
CA ASN A 15 -0.20 7.92 3.90
C ASN A 15 -0.98 8.76 2.90
N ASP A 16 -1.85 8.11 2.14
CA ASP A 16 -2.67 8.81 1.14
C ASP A 16 -4.06 8.16 1.04
N PRO A 17 -5.08 9.01 0.88
CA PRO A 17 -6.47 8.55 0.76
C PRO A 17 -6.73 7.83 -0.55
N LYS A 18 -5.89 8.09 -1.55
CA LYS A 18 -6.03 7.47 -2.86
C LYS A 18 -5.41 6.07 -2.85
N CYS A 19 -4.99 5.61 -1.68
CA CYS A 19 -4.39 4.28 -1.55
C CYS A 19 -4.59 3.74 -0.14
N SER A 20 -5.82 3.77 0.34
CA SER A 20 -6.14 3.30 1.68
C SER A 20 -6.35 1.78 1.67
N ASP A 21 -5.86 1.13 0.63
CA ASP A 21 -6.00 -0.32 0.50
C ASP A 21 -5.29 -1.04 1.64
N SER A 22 -5.07 -2.33 1.47
CA SER A 22 -4.40 -3.13 2.49
C SER A 22 -3.34 -4.03 1.88
N VAL A 23 -2.09 -3.56 1.88
CA VAL A 23 -0.98 -4.31 1.32
C VAL A 23 -0.68 -5.55 2.15
N CYS A 24 -0.62 -6.70 1.49
CA CYS A 24 -0.35 -7.96 2.18
C CYS A 24 1.05 -7.95 2.79
N LYS A 25 1.46 -9.09 3.33
CA LYS A 25 2.78 -9.22 3.95
C LYS A 25 3.25 -10.67 3.93
N ASN A 1 -6.23 -8.01 -4.72
CA ASN A 1 -6.88 -7.49 -3.52
C ASN A 1 -5.87 -6.78 -2.61
N CYS A 2 -4.68 -7.36 -2.51
CA CYS A 2 -3.62 -6.79 -1.69
C CYS A 2 -2.36 -6.51 -2.52
N TRP A 3 -1.73 -5.37 -2.25
CA TRP A 3 -0.52 -4.99 -2.97
C TRP A 3 0.67 -5.82 -2.52
N ARG A 4 1.87 -5.43 -2.96
CA ARG A 4 3.09 -6.15 -2.60
C ARG A 4 3.81 -5.42 -1.46
N ALA A 5 4.30 -6.20 -0.50
CA ALA A 5 5.01 -5.65 0.64
C ALA A 5 6.49 -5.47 0.34
N GLU A 6 6.79 -5.04 -0.88
CA GLU A 6 8.17 -4.83 -1.31
C GLU A 6 8.29 -3.63 -2.22
N SER A 7 7.24 -2.81 -2.26
CA SER A 7 7.22 -1.62 -3.10
C SER A 7 7.36 -0.36 -2.25
N ASP A 8 8.36 0.46 -2.58
CA ASP A 8 8.60 1.70 -1.84
C ASP A 8 7.35 2.57 -1.83
N GLU A 9 6.50 2.40 -2.84
CA GLU A 9 5.27 3.17 -2.94
C GLU A 9 4.23 2.67 -1.95
N ALA A 10 4.28 1.37 -1.66
CA ALA A 10 3.34 0.77 -0.72
C ALA A 10 3.34 1.49 0.62
N ARG A 11 4.46 2.15 0.92
CA ARG A 11 4.61 2.89 2.17
C ARG A 11 3.95 4.26 2.07
N ARG A 12 4.05 4.87 0.89
CA ARG A 12 3.47 6.18 0.67
C ARG A 12 1.96 6.09 0.50
N CYS A 13 1.49 4.94 0.05
CA CYS A 13 0.06 4.72 -0.17
C CYS A 13 -0.70 4.78 1.16
N TYR A 14 -0.19 4.06 2.15
CA TYR A 14 -0.82 4.04 3.47
C TYR A 14 -0.95 5.44 4.05
N ASN A 15 -0.14 6.36 3.53
CA ASN A 15 -0.16 7.74 3.99
C ASN A 15 -1.02 8.60 3.09
N ASP A 16 -1.92 7.96 2.34
CA ASP A 16 -2.81 8.67 1.43
C ASP A 16 -4.18 7.99 1.37
N PRO A 17 -5.24 8.80 1.30
CA PRO A 17 -6.61 8.29 1.25
C PRO A 17 -6.93 7.63 -0.10
N LYS A 18 -6.14 7.96 -1.11
CA LYS A 18 -6.34 7.40 -2.44
C LYS A 18 -5.68 6.02 -2.54
N CYS A 19 -5.18 5.52 -1.42
CA CYS A 19 -4.53 4.22 -1.39
C CYS A 19 -4.63 3.60 0.01
N SER A 20 -5.84 3.57 0.55
CA SER A 20 -6.07 3.01 1.88
C SER A 20 -6.26 1.49 1.80
N ASP A 21 -5.79 0.90 0.71
CA ASP A 21 -5.90 -0.54 0.52
C ASP A 21 -5.17 -1.30 1.62
N SER A 22 -4.93 -2.59 1.39
CA SER A 22 -4.25 -3.43 2.36
C SER A 22 -3.16 -4.26 1.68
N VAL A 23 -1.93 -3.75 1.70
CA VAL A 23 -0.81 -4.45 1.09
C VAL A 23 -0.45 -5.71 1.87
N CYS A 24 -0.39 -6.84 1.17
CA CYS A 24 -0.06 -8.11 1.80
C CYS A 24 1.35 -8.10 2.37
N LYS A 25 1.46 -8.19 3.69
CA LYS A 25 2.75 -8.18 4.36
C LYS A 25 3.13 -9.58 4.83
N ASN A 1 -8.22 -6.83 -2.81
CA ASN A 1 -6.91 -7.35 -3.18
C ASN A 1 -5.80 -6.62 -2.43
N CYS A 2 -4.88 -7.39 -1.86
CA CYS A 2 -3.77 -6.82 -1.10
C CYS A 2 -2.57 -6.58 -2.02
N TRP A 3 -1.89 -5.46 -1.80
CA TRP A 3 -0.72 -5.11 -2.59
C TRP A 3 0.49 -5.97 -2.20
N ARG A 4 1.65 -5.61 -2.72
CA ARG A 4 2.87 -6.34 -2.42
C ARG A 4 3.69 -5.63 -1.34
N ALA A 5 4.21 -6.41 -0.40
CA ALA A 5 5.01 -5.86 0.69
C ALA A 5 6.47 -5.72 0.28
N GLU A 6 6.69 -5.26 -0.95
CA GLU A 6 8.05 -5.07 -1.45
C GLU A 6 8.13 -3.83 -2.34
N SER A 7 7.06 -3.04 -2.35
CA SER A 7 7.00 -1.83 -3.14
C SER A 7 7.17 -0.59 -2.27
N ASP A 8 8.06 0.31 -2.68
CA ASP A 8 8.31 1.53 -1.94
C ASP A 8 7.05 2.38 -1.85
N GLU A 9 6.20 2.29 -2.88
CA GLU A 9 4.96 3.05 -2.91
C GLU A 9 3.98 2.55 -1.86
N ALA A 10 4.05 1.25 -1.57
CA ALA A 10 3.17 0.64 -0.58
C ALA A 10 3.27 1.36 0.77
N ARG A 11 4.41 1.98 1.02
CA ARG A 11 4.63 2.71 2.26
C ARG A 11 3.99 4.09 2.20
N ARG A 12 4.07 4.73 1.03
CA ARG A 12 3.49 6.05 0.85
C ARG A 12 1.98 5.98 0.71
N CYS A 13 1.49 4.82 0.26
CA CYS A 13 0.06 4.62 0.08
C CYS A 13 -0.68 4.69 1.43
N TYR A 14 -0.12 4.02 2.43
CA TYR A 14 -0.73 4.01 3.76
C TYR A 14 -0.85 5.42 4.31
N ASN A 15 -0.10 6.35 3.73
CA ASN A 15 -0.11 7.73 4.17
C ASN A 15 -0.99 8.59 3.25
N ASP A 16 -1.90 7.93 2.55
CA ASP A 16 -2.80 8.63 1.63
C ASP A 16 -4.17 7.95 1.61
N PRO A 17 -5.24 8.77 1.55
CA PRO A 17 -6.61 8.27 1.51
C PRO A 17 -6.94 7.58 0.19
N LYS A 18 -6.18 7.89 -0.85
CA LYS A 18 -6.39 7.29 -2.16
C LYS A 18 -5.73 5.92 -2.25
N CYS A 19 -5.21 5.45 -1.12
CA CYS A 19 -4.56 4.14 -1.07
C CYS A 19 -4.64 3.56 0.33
N SER A 20 -5.84 3.54 0.91
CA SER A 20 -6.05 3.01 2.25
C SER A 20 -6.21 1.49 2.21
N ASP A 21 -5.76 0.87 1.12
CA ASP A 21 -5.85 -0.57 0.97
C ASP A 21 -5.07 -1.29 2.06
N SER A 22 -4.81 -2.58 1.85
CA SER A 22 -4.08 -3.38 2.82
C SER A 22 -3.03 -4.25 2.13
N VAL A 23 -1.81 -3.75 2.08
CA VAL A 23 -0.71 -4.47 1.45
C VAL A 23 -0.35 -5.72 2.24
N CYS A 24 -0.36 -6.87 1.57
CA CYS A 24 -0.04 -8.14 2.22
C CYS A 24 1.41 -8.15 2.70
N LYS A 25 1.59 -8.22 4.01
CA LYS A 25 2.91 -8.23 4.61
C LYS A 25 3.27 -9.64 5.10
N ASN A 1 -6.77 -8.84 -3.26
CA ASN A 1 -7.03 -7.41 -3.19
C ASN A 1 -5.96 -6.70 -2.36
N CYS A 2 -4.78 -7.28 -2.31
CA CYS A 2 -3.67 -6.71 -1.55
C CYS A 2 -2.46 -6.44 -2.45
N TRP A 3 -1.82 -5.30 -2.24
CA TRP A 3 -0.66 -4.92 -3.03
C TRP A 3 0.57 -5.73 -2.62
N ARG A 4 1.73 -5.32 -3.12
CA ARG A 4 2.97 -6.01 -2.79
C ARG A 4 3.74 -5.27 -1.69
N ALA A 5 4.27 -6.03 -0.74
CA ALA A 5 5.01 -5.46 0.38
C ALA A 5 6.49 -5.30 0.01
N GLU A 6 6.75 -4.91 -1.23
CA GLU A 6 8.11 -4.72 -1.70
C GLU A 6 8.20 -3.52 -2.65
N SER A 7 7.15 -2.72 -2.66
CA SER A 7 7.11 -1.54 -3.52
C SER A 7 7.29 -0.25 -2.70
N ASP A 8 8.25 0.56 -3.10
CA ASP A 8 8.52 1.81 -2.39
C ASP A 8 7.26 2.66 -2.30
N GLU A 9 6.34 2.48 -3.25
CA GLU A 9 5.10 3.24 -3.26
C GLU A 9 4.14 2.71 -2.20
N ALA A 10 4.23 1.41 -1.91
CA ALA A 10 3.37 0.79 -0.92
C ALA A 10 3.44 1.52 0.41
N ARG A 11 4.57 2.18 0.65
CA ARG A 11 4.78 2.92 1.89
C ARG A 11 4.08 4.28 1.83
N ARG A 12 4.09 4.90 0.66
CA ARG A 12 3.46 6.21 0.47
C ARG A 12 1.94 6.06 0.38
N CYS A 13 1.48 4.89 -0.03
CA CYS A 13 0.05 4.63 -0.14
C CYS A 13 -0.64 4.68 1.22
N TYR A 14 -0.06 3.99 2.19
CA TYR A 14 -0.61 3.96 3.54
C TYR A 14 -0.71 5.37 4.12
N ASN A 15 0.03 6.29 3.53
CA ASN A 15 0.03 7.68 3.99
C ASN A 15 -0.82 8.55 3.07
N ASP A 16 -1.75 7.93 2.36
CA ASP A 16 -2.64 8.64 1.45
C ASP A 16 -4.02 8.01 1.42
N PRO A 17 -5.06 8.86 1.35
CA PRO A 17 -6.45 8.40 1.32
C PRO A 17 -6.80 7.72 0.00
N LYS A 18 -6.03 8.01 -1.04
CA LYS A 18 -6.26 7.42 -2.35
C LYS A 18 -5.65 6.02 -2.44
N CYS A 19 -5.16 5.53 -1.32
CA CYS A 19 -4.55 4.20 -1.26
C CYS A 19 -4.65 3.61 0.14
N SER A 20 -5.85 3.64 0.71
CA SER A 20 -6.09 3.11 2.04
C SER A 20 -6.26 1.60 2.00
N ASP A 21 -5.84 0.99 0.90
CA ASP A 21 -5.95 -0.46 0.74
C ASP A 21 -5.14 -1.19 1.80
N SER A 22 -4.90 -2.48 1.58
CA SER A 22 -4.13 -3.29 2.52
C SER A 22 -3.10 -4.14 1.80
N VAL A 23 -1.87 -3.62 1.73
CA VAL A 23 -0.78 -4.34 1.07
C VAL A 23 -0.38 -5.57 1.85
N CYS A 24 -0.34 -6.72 1.17
CA CYS A 24 0.03 -7.98 1.80
C CYS A 24 1.46 -7.93 2.31
N LYS A 25 1.62 -8.02 3.63
CA LYS A 25 2.94 -7.98 4.24
C LYS A 25 3.44 -9.40 4.52
N ASN A 1 -5.85 -10.26 -2.45
CA ASN A 1 -6.62 -9.02 -2.42
C ASN A 1 -5.84 -7.90 -1.76
N CYS A 2 -4.56 -7.80 -2.11
CA CYS A 2 -3.69 -6.77 -1.55
C CYS A 2 -2.66 -6.32 -2.59
N TRP A 3 -2.07 -5.14 -2.35
CA TRP A 3 -1.06 -4.60 -3.25
C TRP A 3 0.25 -5.36 -3.12
N ARG A 4 1.30 -4.84 -3.75
CA ARG A 4 2.61 -5.46 -3.70
C ARG A 4 3.32 -5.13 -2.39
N ALA A 5 3.77 -6.17 -1.70
CA ALA A 5 4.47 -5.99 -0.42
C ALA A 5 5.97 -5.76 -0.65
N GLU A 6 6.31 -5.18 -1.79
CA GLU A 6 7.70 -4.91 -2.13
C GLU A 6 7.84 -3.59 -2.88
N SER A 7 6.77 -2.78 -2.84
CA SER A 7 6.77 -1.49 -3.53
C SER A 7 6.92 -0.35 -2.52
N ASP A 8 7.94 0.49 -2.74
CA ASP A 8 8.19 1.62 -1.86
C ASP A 8 7.00 2.57 -1.83
N GLU A 9 6.18 2.51 -2.89
CA GLU A 9 5.00 3.37 -2.98
C GLU A 9 3.90 2.88 -2.04
N ALA A 10 3.93 1.60 -1.72
CA ALA A 10 2.94 1.00 -0.84
C ALA A 10 3.00 1.63 0.55
N ARG A 11 4.17 2.11 0.93
CA ARG A 11 4.37 2.73 2.23
C ARG A 11 3.99 4.20 2.19
N ARG A 12 4.31 4.87 1.08
CA ARG A 12 4.00 6.28 0.93
C ARG A 12 2.49 6.49 0.71
N CYS A 13 1.90 5.63 -0.10
CA CYS A 13 0.46 5.72 -0.39
C CYS A 13 -0.35 5.37 0.84
N TYR A 14 0.22 4.57 1.74
CA TYR A 14 -0.46 4.17 2.96
C TYR A 14 -1.03 5.38 3.70
N ASN A 15 -0.37 6.52 3.54
CA ASN A 15 -0.81 7.75 4.18
C ASN A 15 -1.61 8.62 3.21
N ASP A 16 -2.44 7.98 2.40
CA ASP A 16 -3.26 8.70 1.43
C ASP A 16 -4.61 8.02 1.26
N PRO A 17 -5.65 8.82 1.00
CA PRO A 17 -7.02 8.32 0.81
C PRO A 17 -7.18 7.53 -0.49
N LYS A 18 -6.29 7.79 -1.44
CA LYS A 18 -6.32 7.10 -2.73
C LYS A 18 -5.62 5.75 -2.64
N CYS A 19 -5.26 5.36 -1.44
CA CYS A 19 -4.57 4.09 -1.21
C CYS A 19 -4.84 3.55 0.19
N SER A 20 -6.11 3.57 0.57
CA SER A 20 -6.50 3.08 1.90
C SER A 20 -6.58 1.56 1.92
N ASP A 21 -6.15 0.95 0.83
CA ASP A 21 -6.17 -0.52 0.72
C ASP A 21 -5.28 -1.14 1.78
N SER A 22 -4.94 -2.42 1.59
CA SER A 22 -4.10 -3.14 2.55
C SER A 22 -3.09 -4.02 1.81
N VAL A 23 -1.88 -3.50 1.66
CA VAL A 23 -0.81 -4.23 0.98
C VAL A 23 -0.45 -5.50 1.74
N CYS A 24 -0.02 -6.53 1.01
CA CYS A 24 0.36 -7.79 1.61
C CYS A 24 1.56 -7.62 2.54
N LYS A 25 2.13 -8.73 2.97
CA LYS A 25 3.29 -8.70 3.85
C LYS A 25 4.57 -9.00 3.09
N ASN A 1 -8.46 -7.56 -2.63
CA ASN A 1 -7.20 -7.55 -3.36
C ASN A 1 -6.13 -6.81 -2.57
N CYS A 2 -5.06 -7.53 -2.22
CA CYS A 2 -3.96 -6.93 -1.46
C CYS A 2 -2.76 -6.68 -2.36
N TRP A 3 -2.09 -5.54 -2.13
CA TRP A 3 -0.91 -5.18 -2.92
C TRP A 3 0.28 -6.03 -2.53
N ARG A 4 1.47 -5.63 -3.00
CA ARG A 4 2.69 -6.35 -2.70
C ARG A 4 3.50 -5.63 -1.63
N ALA A 5 4.03 -6.39 -0.68
CA ALA A 5 4.82 -5.81 0.41
C ALA A 5 6.28 -5.68 0.01
N GLU A 6 6.50 -5.26 -1.24
CA GLU A 6 7.87 -5.09 -1.75
C GLU A 6 7.94 -3.90 -2.70
N SER A 7 6.89 -3.08 -2.71
CA SER A 7 6.84 -1.91 -3.57
C SER A 7 7.03 -0.62 -2.77
N ASP A 8 8.02 0.17 -3.17
CA ASP A 8 8.32 1.43 -2.49
C ASP A 8 7.09 2.33 -2.48
N GLU A 9 6.20 2.15 -3.45
CA GLU A 9 4.99 2.95 -3.54
C GLU A 9 3.97 2.53 -2.48
N ALA A 10 4.01 1.25 -2.11
CA ALA A 10 3.09 0.73 -1.11
C ALA A 10 3.17 1.53 0.18
N ARG A 11 4.31 2.17 0.40
CA ARG A 11 4.51 2.98 1.60
C ARG A 11 3.84 4.34 1.46
N ARG A 12 3.87 4.89 0.25
CA ARG A 12 3.27 6.19 -0.02
C ARG A 12 1.75 6.08 -0.08
N CYS A 13 1.26 4.94 -0.54
CA CYS A 13 -0.18 4.71 -0.64
C CYS A 13 -0.83 4.71 0.72
N TYR A 14 -0.27 3.96 1.65
CA TYR A 14 -0.79 3.87 3.02
C TYR A 14 -0.89 5.25 3.65
N ASN A 15 -0.10 6.19 3.13
CA ASN A 15 -0.09 7.55 3.64
C ASN A 15 -1.03 8.45 2.83
N ASP A 16 -1.99 7.83 2.15
CA ASP A 16 -2.95 8.57 1.33
C ASP A 16 -4.32 7.91 1.37
N PRO A 17 -5.38 8.73 1.40
CA PRO A 17 -6.76 8.24 1.44
C PRO A 17 -7.18 7.58 0.13
N LYS A 18 -6.47 7.92 -0.95
CA LYS A 18 -6.78 7.37 -2.26
C LYS A 18 -6.13 5.99 -2.43
N CYS A 19 -5.54 5.49 -1.36
CA CYS A 19 -4.89 4.19 -1.38
C CYS A 19 -4.87 3.56 0.00
N SER A 20 -6.03 3.52 0.66
CA SER A 20 -6.14 2.95 1.99
C SER A 20 -6.35 1.45 1.93
N ASP A 21 -5.90 0.84 0.83
CA ASP A 21 -6.04 -0.60 0.64
C ASP A 21 -5.28 -1.36 1.73
N SER A 22 -5.04 -2.65 1.49
CA SER A 22 -4.34 -3.49 2.46
C SER A 22 -3.28 -4.34 1.75
N VAL A 23 -2.05 -3.83 1.74
CA VAL A 23 -0.95 -4.54 1.10
C VAL A 23 -0.56 -5.79 1.89
N CYS A 24 -0.55 -6.93 1.21
CA CYS A 24 -0.20 -8.19 1.86
C CYS A 24 1.24 -8.18 2.36
N LYS A 25 1.40 -8.26 3.67
CA LYS A 25 2.72 -8.25 4.29
C LYS A 25 3.13 -9.66 4.72
N ASN A 1 -8.27 -7.70 -1.91
CA ASN A 1 -7.15 -7.49 -2.84
C ASN A 1 -6.04 -6.69 -2.17
N CYS A 2 -4.96 -7.38 -1.79
CA CYS A 2 -3.83 -6.74 -1.14
C CYS A 2 -2.74 -6.39 -2.16
N TRP A 3 -2.09 -5.26 -1.95
CA TRP A 3 -1.03 -4.81 -2.85
C TRP A 3 0.25 -5.62 -2.64
N ARG A 4 1.34 -5.15 -3.23
CA ARG A 4 2.62 -5.84 -3.09
C ARG A 4 3.33 -5.43 -1.80
N ALA A 5 3.78 -6.42 -1.04
CA ALA A 5 4.47 -6.16 0.22
C ALA A 5 5.97 -5.97 -0.01
N GLU A 6 6.33 -5.48 -1.19
CA GLU A 6 7.74 -5.27 -1.53
C GLU A 6 7.89 -4.02 -2.40
N SER A 7 6.85 -3.20 -2.45
CA SER A 7 6.87 -1.98 -3.25
C SER A 7 6.98 -0.75 -2.36
N ASP A 8 8.00 0.06 -2.62
CA ASP A 8 8.22 1.28 -1.84
C ASP A 8 6.98 2.16 -1.84
N GLU A 9 6.23 2.11 -2.93
CA GLU A 9 5.02 2.91 -3.06
C GLU A 9 3.96 2.47 -2.03
N ALA A 10 4.01 1.20 -1.66
CA ALA A 10 3.07 0.66 -0.69
C ALA A 10 3.07 1.48 0.59
N ARG A 11 4.20 2.14 0.86
CA ARG A 11 4.33 2.95 2.06
C ARG A 11 3.72 4.33 1.86
N ARG A 12 3.84 4.85 0.65
CA ARG A 12 3.29 6.17 0.33
C ARG A 12 1.78 6.10 0.16
N CYS A 13 1.29 4.96 -0.31
CA CYS A 13 -0.14 4.76 -0.51
C CYS A 13 -0.89 4.82 0.81
N TYR A 14 -0.40 4.07 1.80
CA TYR A 14 -1.02 4.03 3.11
C TYR A 14 -1.13 5.43 3.70
N ASN A 15 -0.30 6.33 3.22
CA ASN A 15 -0.29 7.71 3.71
C ASN A 15 -1.16 8.61 2.83
N ASP A 16 -2.08 7.98 2.09
CA ASP A 16 -2.98 8.72 1.22
C ASP A 16 -4.36 8.07 1.18
N PRO A 17 -5.41 8.91 1.12
CA PRO A 17 -6.80 8.44 1.08
C PRO A 17 -7.14 7.77 -0.24
N LYS A 18 -6.38 8.07 -1.28
CA LYS A 18 -6.61 7.48 -2.60
C LYS A 18 -5.96 6.11 -2.69
N CYS A 19 -5.42 5.63 -1.58
CA CYS A 19 -4.78 4.32 -1.54
C CYS A 19 -4.81 3.74 -0.12
N SER A 20 -6.00 3.72 0.46
CA SER A 20 -6.17 3.19 1.81
C SER A 20 -6.35 1.67 1.79
N ASP A 21 -5.86 1.04 0.73
CA ASP A 21 -5.96 -0.40 0.58
C ASP A 21 -5.24 -1.12 1.71
N SER A 22 -4.99 -2.41 1.53
CA SER A 22 -4.31 -3.21 2.54
C SER A 22 -3.22 -4.08 1.91
N VAL A 23 -2.00 -3.57 1.91
CA VAL A 23 -0.86 -4.28 1.34
C VAL A 23 -0.50 -5.51 2.19
N CYS A 24 -0.32 -6.65 1.52
CA CYS A 24 0.03 -7.88 2.22
C CYS A 24 1.39 -7.76 2.91
N LYS A 25 1.86 -8.86 3.47
CA LYS A 25 3.14 -8.89 4.16
C LYS A 25 3.77 -10.28 4.10
N ASN A 1 -8.09 -6.28 -3.47
CA ASN A 1 -7.02 -7.20 -3.09
C ASN A 1 -5.92 -6.47 -2.33
N CYS A 2 -4.93 -7.23 -1.86
CA CYS A 2 -3.81 -6.66 -1.11
C CYS A 2 -2.62 -6.41 -2.03
N TRP A 3 -1.92 -5.31 -1.79
CA TRP A 3 -0.76 -4.95 -2.60
C TRP A 3 0.44 -5.84 -2.25
N ARG A 4 1.61 -5.45 -2.73
CA ARG A 4 2.83 -6.21 -2.47
C ARG A 4 3.60 -5.61 -1.30
N ALA A 5 4.12 -6.48 -0.43
CA ALA A 5 4.88 -6.02 0.72
C ALA A 5 6.36 -5.85 0.38
N GLU A 6 6.63 -5.38 -0.83
CA GLU A 6 8.00 -5.18 -1.29
C GLU A 6 8.11 -3.90 -2.11
N SER A 7 7.03 -3.13 -2.14
CA SER A 7 7.01 -1.88 -2.89
C SER A 7 7.10 -0.67 -1.96
N ASP A 8 8.09 0.18 -2.20
CA ASP A 8 8.29 1.37 -1.38
C ASP A 8 7.01 2.21 -1.32
N GLU A 9 6.30 2.26 -2.43
CA GLU A 9 5.06 3.02 -2.51
C GLU A 9 4.03 2.50 -1.52
N ALA A 10 4.10 1.21 -1.22
CA ALA A 10 3.19 0.58 -0.28
C ALA A 10 3.19 1.31 1.06
N ARG A 11 4.32 1.93 1.39
CA ARG A 11 4.46 2.66 2.64
C ARG A 11 3.85 4.05 2.53
N ARG A 12 4.02 4.68 1.37
CA ARG A 12 3.48 6.02 1.14
C ARG A 12 1.97 5.97 0.89
N CYS A 13 1.49 4.81 0.44
CA CYS A 13 0.08 4.63 0.15
C CYS A 13 -0.75 4.73 1.43
N TYR A 14 -0.26 4.10 2.49
CA TYR A 14 -0.95 4.12 3.78
C TYR A 14 -1.08 5.54 4.30
N ASN A 15 -0.31 6.45 3.74
CA ASN A 15 -0.33 7.86 4.15
C ASN A 15 -1.08 8.70 3.15
N ASP A 16 -1.94 8.06 2.36
CA ASP A 16 -2.73 8.76 1.35
C ASP A 16 -4.12 8.12 1.21
N PRO A 17 -5.14 8.98 1.04
CA PRO A 17 -6.52 8.53 0.88
C PRO A 17 -6.76 7.81 -0.44
N LYS A 18 -5.90 8.09 -1.41
CA LYS A 18 -6.02 7.47 -2.73
C LYS A 18 -5.40 6.08 -2.74
N CYS A 19 -4.99 5.61 -1.56
CA CYS A 19 -4.39 4.29 -1.43
C CYS A 19 -4.59 3.74 -0.02
N SER A 20 -5.83 3.77 0.44
CA SER A 20 -6.16 3.27 1.78
C SER A 20 -6.32 1.75 1.77
N ASP A 21 -5.79 1.11 0.74
CA ASP A 21 -5.88 -0.33 0.61
C ASP A 21 -5.18 -1.03 1.78
N SER A 22 -4.90 -2.32 1.62
CA SER A 22 -4.25 -3.10 2.66
C SER A 22 -3.21 -4.05 2.06
N VAL A 23 -1.95 -3.62 2.07
CA VAL A 23 -0.87 -4.42 1.53
C VAL A 23 -0.60 -5.65 2.40
N CYS A 24 -0.55 -6.82 1.76
CA CYS A 24 -0.30 -8.06 2.48
C CYS A 24 1.07 -8.05 3.14
N LYS A 25 1.08 -8.07 4.47
CA LYS A 25 2.33 -8.06 5.22
C LYS A 25 2.14 -8.71 6.59
#